data_5L4X
#
_entry.id   5L4X
#
_cell.length_a   61.079
_cell.length_b   68.380
_cell.length_c   95.629
_cell.angle_alpha   90.00
_cell.angle_beta   90.00
_cell.angle_gamma   90.00
#
_symmetry.space_group_name_H-M   'P 21 21 21'
#
loop_
_entity.id
_entity.type
_entity.pdbx_description
1 polymer 'Protein FimH'
2 non-polymer 'heptyl 4-deoxy-4-deoxy-alpha-D-mannopyranoside'
3 water water
#
_entity_poly.entity_id   1
_entity_poly.type   'polypeptide(L)'
_entity_poly.pdbx_seq_one_letter_code
;FACKTANGTAIPIGGGSANVYVNLAPVVNVGQNLVVDLSTQIFCHNDYPETITDYVTLQRGSAYGGVLSNFSGTVKYSGS
SYPFPTTSETPRVVYNSRTDKPWPVALYLTPVSSAGGVAIKAGSLIAVLILRQTNNYNSDDFQFVWNIYANNDVVVPT
;
_entity_poly.pdbx_strand_id   A,B
#
# COMPACT_ATOMS: atom_id res chain seq x y z
N PHE A 1 -22.09 -6.88 -8.08
CA PHE A 1 -20.98 -6.75 -7.10
C PHE A 1 -20.90 -7.97 -6.20
N ALA A 2 -19.72 -8.56 -6.12
CA ALA A 2 -19.49 -9.69 -5.26
C ALA A 2 -18.03 -9.72 -4.82
N CYS A 3 -17.74 -10.52 -3.80
CA CYS A 3 -16.41 -10.57 -3.24
C CYS A 3 -15.97 -12.01 -3.05
N LYS A 4 -14.67 -12.22 -2.94
CA LYS A 4 -14.17 -13.54 -2.60
C LYS A 4 -12.84 -13.45 -1.85
N THR A 5 -12.52 -14.52 -1.12
CA THR A 5 -11.26 -14.60 -0.40
C THR A 5 -10.19 -15.25 -1.28
N ALA A 6 -8.94 -15.15 -0.85
CA ALA A 6 -7.84 -15.69 -1.63
C ALA A 6 -7.95 -17.20 -1.81
N ASN A 7 -8.54 -17.90 -0.84
CA ASN A 7 -8.72 -19.35 -0.98
C ASN A 7 -10.00 -19.70 -1.75
N GLY A 8 -10.70 -18.68 -2.23
CA GLY A 8 -11.82 -18.88 -3.14
C GLY A 8 -13.21 -18.96 -2.53
N THR A 9 -13.34 -18.64 -1.25
CA THR A 9 -14.66 -18.52 -0.65
C THR A 9 -15.32 -17.22 -1.11
N ALA A 10 -16.53 -17.34 -1.67
CA ALA A 10 -17.22 -16.19 -2.25
C ALA A 10 -18.39 -15.71 -1.39
N ILE A 11 -18.66 -14.40 -1.42
CA ILE A 11 -19.93 -13.88 -0.97
C ILE A 11 -20.59 -13.28 -2.21
N PRO A 12 -21.79 -13.76 -2.57
CA PRO A 12 -22.39 -13.37 -3.84
C PRO A 12 -23.14 -12.03 -3.82
N ILE A 13 -23.61 -11.63 -4.99
CA ILE A 13 -24.52 -10.50 -5.11
C ILE A 13 -25.54 -10.54 -3.97
N GLY A 14 -25.70 -9.41 -3.30
CA GLY A 14 -26.66 -9.31 -2.22
C GLY A 14 -26.05 -9.41 -0.85
N GLY A 15 -24.80 -9.82 -0.78
CA GLY A 15 -24.08 -9.87 0.47
C GLY A 15 -24.19 -11.20 1.18
N GLY A 16 -23.72 -11.21 2.42
CA GLY A 16 -23.64 -12.42 3.20
C GLY A 16 -22.43 -12.39 4.11
N SER A 17 -21.93 -13.55 4.50
CA SER A 17 -20.77 -13.61 5.37
C SER A 17 -19.80 -14.69 4.93
N ALA A 18 -18.54 -14.52 5.32
CA ALA A 18 -17.48 -15.49 5.05
C ALA A 18 -16.42 -15.42 6.13
N ASN A 19 -15.72 -16.52 6.31
CA ASN A 19 -14.60 -16.58 7.23
C ASN A 19 -13.30 -16.37 6.47
N VAL A 20 -12.38 -15.67 7.12
CA VAL A 20 -11.08 -15.37 6.57
C VAL A 20 -10.04 -15.79 7.60
N TYR A 21 -9.10 -16.63 7.18
CA TYR A 21 -8.10 -17.18 8.08
C TYR A 21 -6.76 -16.53 7.78
N VAL A 22 -6.19 -15.86 8.77
CA VAL A 22 -5.00 -15.05 8.54
C VAL A 22 -3.81 -15.58 9.31
N ASN A 23 -2.68 -15.65 8.62
CA ASN A 23 -1.41 -15.97 9.25
C ASN A 23 -0.89 -14.72 9.94
N LEU A 24 -0.37 -14.86 11.15
CA LEU A 24 0.06 -13.72 11.95
C LEU A 24 1.51 -13.88 12.37
N ALA A 25 2.27 -12.79 12.38
CA ALA A 25 3.61 -12.81 12.97
C ALA A 25 3.56 -13.54 14.31
N PRO A 26 4.40 -14.57 14.51
CA PRO A 26 4.27 -15.36 15.74
C PRO A 26 4.77 -14.66 17.00
N VAL A 27 5.67 -13.69 16.83
CA VAL A 27 6.24 -12.94 17.93
C VAL A 27 6.09 -11.46 17.63
N VAL A 28 5.47 -10.73 18.54
CA VAL A 28 5.33 -9.28 18.39
C VAL A 28 5.67 -8.61 19.70
N ASN A 29 6.65 -7.72 19.68
CA ASN A 29 7.09 -7.03 20.88
C ASN A 29 6.22 -5.82 21.18
N VAL A 30 6.13 -5.46 22.45
CA VAL A 30 5.61 -4.17 22.84
C VAL A 30 6.38 -3.15 22.02
N GLY A 31 5.68 -2.18 21.45
CA GLY A 31 6.30 -1.16 20.62
C GLY A 31 6.38 -1.52 19.14
N GLN A 32 5.95 -2.73 18.77
CA GLN A 32 5.92 -3.16 17.37
C GLN A 32 4.47 -3.30 16.93
N ASN A 33 4.24 -3.29 15.62
CA ASN A 33 2.91 -3.53 15.06
C ASN A 33 2.78 -4.95 14.54
N LEU A 34 1.66 -5.57 14.89
CA LEU A 34 1.17 -6.75 14.20
C LEU A 34 0.32 -6.22 13.05
N VAL A 35 0.66 -6.62 11.82
CA VAL A 35 -0.06 -6.12 10.64
C VAL A 35 -0.90 -7.23 10.05
N VAL A 36 -2.20 -6.97 9.94
CA VAL A 36 -3.12 -7.88 9.27
C VAL A 36 -3.58 -7.20 7.99
N ASP A 37 -2.95 -7.55 6.87
CA ASP A 37 -3.25 -6.92 5.60
C ASP A 37 -4.30 -7.73 4.87
N LEU A 38 -5.55 -7.29 4.94
CA LEU A 38 -6.65 -8.02 4.30
C LEU A 38 -6.71 -7.77 2.81
N SER A 39 -5.97 -6.79 2.32
CA SER A 39 -6.00 -6.50 0.89
C SER A 39 -5.37 -7.64 0.08
N THR A 40 -4.69 -8.56 0.74
CA THR A 40 -4.15 -9.74 0.05
C THR A 40 -5.07 -10.94 0.16
N GLN A 41 -6.17 -10.78 0.88
CA GLN A 41 -7.05 -11.91 1.17
C GLN A 41 -8.50 -11.68 0.74
N ILE A 42 -8.89 -10.42 0.55
CA ILE A 42 -10.28 -10.09 0.24
C ILE A 42 -10.34 -9.26 -1.03
N PHE A 43 -11.11 -9.75 -2.01
CA PHE A 43 -11.18 -9.13 -3.33
C PHE A 43 -12.64 -8.97 -3.76
N CYS A 44 -12.93 -7.88 -4.46
CA CYS A 44 -14.28 -7.64 -4.95
C CYS A 44 -14.25 -7.09 -6.38
N HIS A 45 -15.40 -7.07 -7.02
CA HIS A 45 -15.51 -6.57 -8.39
C HIS A 45 -16.92 -6.07 -8.64
N ASN A 46 -17.04 -5.26 -9.69
CA ASN A 46 -18.29 -4.71 -10.21
C ASN A 46 -18.77 -5.63 -11.32
N ASP A 47 -20.03 -6.07 -11.28
CA ASP A 47 -20.52 -7.04 -12.28
C ASP A 47 -21.10 -6.38 -13.55
N TYR A 48 -21.19 -5.05 -13.55
CA TYR A 48 -21.87 -4.34 -14.64
C TYR A 48 -21.35 -2.91 -14.76
N PRO A 49 -20.02 -2.76 -14.88
CA PRO A 49 -19.42 -1.41 -14.91
C PRO A 49 -19.78 -0.63 -16.17
N GLU A 50 -20.27 -1.32 -17.20
CA GLU A 50 -20.74 -0.66 -18.39
C GLU A 50 -21.84 0.35 -18.04
N THR A 51 -22.61 0.05 -16.99
CA THR A 51 -23.80 0.85 -16.64
C THR A 51 -23.81 1.36 -15.21
N ILE A 52 -23.19 0.61 -14.31
CA ILE A 52 -23.28 0.86 -12.86
C ILE A 52 -21.91 1.15 -12.23
N THR A 53 -21.90 2.08 -11.29
CA THR A 53 -20.74 2.30 -10.43
C THR A 53 -21.05 1.80 -9.02
N ASP A 54 -20.15 1.00 -8.46
CA ASP A 54 -20.33 0.47 -7.11
C ASP A 54 -19.53 1.26 -6.10
N TYR A 55 -20.10 1.44 -4.91
CA TYR A 55 -19.45 2.18 -3.83
C TYR A 55 -19.25 1.29 -2.62
N VAL A 56 -18.06 1.32 -2.04
CA VAL A 56 -17.72 0.37 -0.97
C VAL A 56 -17.09 1.08 0.22
N THR A 57 -17.69 0.87 1.39
CA THR A 57 -17.11 1.40 2.63
C THR A 57 -16.74 0.29 3.60
N LEU A 58 -15.86 0.61 4.55
CA LEU A 58 -15.75 -0.14 5.78
C LEU A 58 -16.79 0.46 6.71
N GLN A 59 -17.91 -0.21 6.85
CA GLN A 59 -19.00 0.30 7.68
C GLN A 59 -18.60 0.26 9.15
N ARG A 60 -17.97 -0.84 9.53
CA ARG A 60 -17.64 -1.07 10.93
C ARG A 60 -16.58 -2.14 11.03
N GLY A 61 -15.68 -1.98 11.99
CA GLY A 61 -14.70 -2.99 12.30
C GLY A 61 -14.69 -3.22 13.80
N SER A 62 -14.86 -4.48 14.20
CA SER A 62 -14.94 -4.86 15.60
C SER A 62 -13.81 -5.82 15.96
N ALA A 63 -13.29 -5.68 17.18
CA ALA A 63 -12.22 -6.53 17.67
C ALA A 63 -12.75 -7.57 18.64
N TYR A 64 -12.14 -8.76 18.62
CA TYR A 64 -12.56 -9.83 19.50
C TYR A 64 -11.34 -10.53 20.11
N GLY A 65 -11.61 -11.33 21.13
CA GLY A 65 -10.60 -12.18 21.73
C GLY A 65 -9.35 -11.43 22.14
N GLY A 66 -8.20 -11.95 21.76
CA GLY A 66 -6.93 -11.38 22.19
C GLY A 66 -6.63 -10.03 21.59
N VAL A 67 -7.19 -9.74 20.42
CA VAL A 67 -7.01 -8.44 19.79
C VAL A 67 -7.74 -7.39 20.61
N LEU A 68 -8.94 -7.71 21.08
CA LEU A 68 -9.69 -6.80 21.95
C LEU A 68 -8.98 -6.61 23.28
N SER A 69 -8.54 -7.72 23.86
CA SER A 69 -7.93 -7.70 25.19
C SER A 69 -6.51 -7.13 25.23
N ASN A 70 -5.71 -7.42 24.20
CA ASN A 70 -4.26 -7.22 24.33
C ASN A 70 -3.62 -6.24 23.36
N PHE A 71 -4.42 -5.64 22.47
CA PHE A 71 -3.85 -4.79 21.44
C PHE A 71 -4.54 -3.45 21.33
N SER A 72 -3.76 -2.47 20.89
CA SER A 72 -4.28 -1.16 20.55
C SER A 72 -4.24 -1.03 19.02
N GLY A 73 -5.40 -0.77 18.42
CA GLY A 73 -5.55 -0.93 16.99
C GLY A 73 -5.80 0.31 16.17
N THR A 74 -5.36 0.23 14.93
CA THR A 74 -5.65 1.21 13.91
C THR A 74 -6.05 0.48 12.65
N VAL A 75 -7.03 1.00 11.92
CA VAL A 75 -7.32 0.42 10.62
C VAL A 75 -7.01 1.43 9.55
N LYS A 76 -6.33 0.97 8.50
CA LYS A 76 -6.09 1.80 7.34
C LYS A 76 -7.05 1.37 6.25
N TYR A 77 -7.79 2.32 5.71
CA TYR A 77 -8.71 2.04 4.63
C TYR A 77 -8.41 3.00 3.50
N SER A 78 -8.01 2.44 2.37
CA SER A 78 -7.72 3.22 1.18
C SER A 78 -6.87 4.45 1.50
N GLY A 79 -5.74 4.23 2.16
CA GLY A 79 -4.77 5.29 2.39
C GLY A 79 -4.98 6.14 3.64
N SER A 80 -6.13 6.03 4.30
CA SER A 80 -6.38 6.81 5.51
C SER A 80 -6.52 5.92 6.74
N SER A 81 -6.09 6.44 7.89
CA SER A 81 -6.09 5.67 9.12
C SER A 81 -7.15 6.13 10.11
N TYR A 82 -7.74 5.14 10.78
CA TYR A 82 -8.82 5.36 11.73
C TYR A 82 -8.62 4.48 12.95
N PRO A 83 -9.26 4.82 14.06
CA PRO A 83 -9.27 3.93 15.22
C PRO A 83 -9.87 2.57 14.89
N PHE A 84 -9.30 1.51 15.46
CA PHE A 84 -9.88 0.17 15.37
C PHE A 84 -9.87 -0.44 16.77
N PRO A 85 -11.03 -0.88 17.29
CA PRO A 85 -12.39 -0.85 16.73
C PRO A 85 -12.84 0.54 16.28
N THR A 86 -13.69 0.56 15.26
CA THR A 86 -14.05 1.78 14.56
C THR A 86 -15.11 2.60 15.26
N THR A 87 -15.12 3.89 14.97
CA THR A 87 -16.05 4.83 15.57
C THR A 87 -16.98 5.48 14.54
N SER A 88 -16.72 5.23 13.25
CA SER A 88 -17.59 5.72 12.19
C SER A 88 -17.29 5.01 10.89
N GLU A 89 -18.25 5.09 9.98
CA GLU A 89 -18.11 4.52 8.66
C GLU A 89 -17.11 5.34 7.86
N THR A 90 -16.30 4.65 7.06
CA THR A 90 -15.30 5.29 6.23
C THR A 90 -15.92 5.96 5.01
N PRO A 91 -15.14 6.78 4.30
CA PRO A 91 -15.59 7.18 2.98
C PRO A 91 -15.67 6.00 2.02
N ARG A 92 -16.32 6.20 0.89
CA ARG A 92 -16.50 5.17 -0.12
C ARG A 92 -15.28 4.97 -0.99
N VAL A 93 -15.04 3.72 -1.38
CA VAL A 93 -14.10 3.40 -2.44
C VAL A 93 -14.91 3.02 -3.67
N VAL A 94 -14.49 3.51 -4.83
CA VAL A 94 -15.20 3.22 -6.08
C VAL A 94 -14.69 1.92 -6.69
N TYR A 95 -15.62 1.04 -7.05
CA TYR A 95 -15.30 -0.16 -7.84
C TYR A 95 -15.94 -0.05 -9.21
N ASN A 96 -15.11 0.11 -10.23
CA ASN A 96 -15.62 0.27 -11.59
C ASN A 96 -14.94 -0.71 -12.53
N SER A 97 -14.51 -1.84 -11.96
CA SER A 97 -13.79 -2.85 -12.72
C SER A 97 -14.41 -4.24 -12.45
N ARG A 98 -14.50 -5.04 -13.50
CA ARG A 98 -15.01 -6.40 -13.40
C ARG A 98 -13.89 -7.34 -12.95
N THR A 99 -12.66 -6.91 -13.17
CA THR A 99 -11.50 -7.61 -12.65
C THR A 99 -11.44 -7.49 -11.13
N ASP A 100 -11.12 -8.60 -10.46
CA ASP A 100 -10.93 -8.61 -9.01
C ASP A 100 -10.01 -7.51 -8.54
N LYS A 101 -10.44 -6.81 -7.51
CA LYS A 101 -9.67 -5.71 -6.95
C LYS A 101 -9.63 -5.84 -5.42
N PRO A 102 -8.45 -5.62 -4.81
CA PRO A 102 -8.40 -5.74 -3.35
C PRO A 102 -9.39 -4.85 -2.60
N TRP A 103 -9.89 -5.34 -1.47
CA TRP A 103 -10.55 -4.49 -0.50
C TRP A 103 -9.43 -3.85 0.36
N PRO A 104 -9.21 -2.54 0.22
CA PRO A 104 -7.97 -1.96 0.79
C PRO A 104 -8.02 -1.72 2.30
N VAL A 105 -8.10 -2.81 3.05
CA VAL A 105 -8.18 -2.80 4.51
C VAL A 105 -6.95 -3.43 5.11
N ALA A 106 -6.34 -2.75 6.08
CA ALA A 106 -5.26 -3.35 6.85
C ALA A 106 -5.36 -2.94 8.30
N LEU A 107 -5.14 -3.91 9.18
CA LEU A 107 -5.14 -3.64 10.62
C LEU A 107 -3.71 -3.51 11.15
N TYR A 108 -3.50 -2.51 11.99
CA TYR A 108 -2.21 -2.30 12.64
C TYR A 108 -2.45 -2.41 14.14
N LEU A 109 -1.91 -3.47 14.72
CA LEU A 109 -2.23 -3.85 16.09
C LEU A 109 -0.95 -3.88 16.93
N THR A 110 -0.89 -3.03 17.93
CA THR A 110 0.30 -2.97 18.77
C THR A 110 -0.07 -3.40 20.20
N PRO A 111 0.79 -4.23 20.84
CA PRO A 111 0.42 -4.73 22.17
C PRO A 111 0.26 -3.62 23.21
N VAL A 112 -0.76 -3.75 24.06
CA VAL A 112 -0.92 -2.85 25.20
C VAL A 112 0.12 -3.22 26.25
N SER A 113 0.39 -2.29 27.15
CA SER A 113 1.47 -2.48 28.13
C SER A 113 1.27 -3.71 29.01
N SER A 114 0.02 -4.08 29.29
CA SER A 114 -0.25 -5.23 30.13
C SER A 114 -0.10 -6.56 29.36
N ALA A 115 0.05 -6.49 28.05
CA ALA A 115 0.11 -7.69 27.23
C ALA A 115 1.40 -8.44 27.49
N GLY A 116 1.30 -9.77 27.46
CA GLY A 116 2.46 -10.62 27.65
C GLY A 116 2.05 -12.07 27.53
N GLY A 117 2.88 -12.87 26.88
CA GLY A 117 2.58 -14.28 26.71
C GLY A 117 1.78 -14.52 25.45
N VAL A 118 0.88 -15.50 25.49
CA VAL A 118 0.06 -15.79 24.32
C VAL A 118 -1.05 -14.75 24.25
N ALA A 119 -0.86 -13.77 23.37
CA ALA A 119 -1.77 -12.63 23.30
C ALA A 119 -2.93 -12.90 22.35
N ILE A 120 -2.69 -13.77 21.38
CA ILE A 120 -3.73 -14.22 20.46
C ILE A 120 -3.63 -15.73 20.32
N LYS A 121 -4.76 -16.42 20.40
CA LYS A 121 -4.77 -17.87 20.31
C LYS A 121 -5.18 -18.37 18.93
N ALA A 122 -4.45 -19.37 18.44
CA ALA A 122 -4.77 -20.02 17.17
C ALA A 122 -6.23 -20.41 17.13
N GLY A 123 -6.88 -20.10 16.02
CA GLY A 123 -8.27 -20.47 15.80
C GLY A 123 -9.30 -19.51 16.33
N SER A 124 -8.86 -18.47 17.06
CA SER A 124 -9.80 -17.57 17.70
C SER A 124 -10.27 -16.50 16.73
N LEU A 125 -11.50 -16.03 16.92
CA LEU A 125 -11.99 -14.86 16.21
C LEU A 125 -11.27 -13.62 16.70
N ILE A 126 -10.71 -12.84 15.79
CA ILE A 126 -9.98 -11.65 16.21
C ILE A 126 -10.64 -10.37 15.70
N ALA A 127 -11.43 -10.47 14.64
CA ALA A 127 -12.12 -9.30 14.12
C ALA A 127 -13.33 -9.66 13.27
N VAL A 128 -14.28 -8.72 13.22
CA VAL A 128 -15.37 -8.77 12.25
C VAL A 128 -15.32 -7.44 11.52
N LEU A 129 -15.23 -7.54 10.20
CA LEU A 129 -15.18 -6.36 9.34
C LEU A 129 -16.41 -6.35 8.45
N ILE A 130 -17.12 -5.23 8.43
CA ILE A 130 -18.34 -5.12 7.63
C ILE A 130 -18.09 -4.22 6.43
N LEU A 131 -18.15 -4.85 5.25
CA LEU A 131 -18.09 -4.14 4.00
C LEU A 131 -19.51 -3.79 3.60
N ARG A 132 -19.76 -2.51 3.35
CA ARG A 132 -21.07 -2.04 2.92
C ARG A 132 -20.99 -1.57 1.49
N GLN A 133 -21.83 -2.14 0.64
CA GLN A 133 -21.81 -1.85 -0.79
C GLN A 133 -23.13 -1.24 -1.25
N THR A 134 -23.01 -0.11 -1.95
CA THR A 134 -24.12 0.56 -2.60
C THR A 134 -23.74 0.82 -4.06
N ASN A 135 -24.60 1.50 -4.80
CA ASN A 135 -24.27 1.84 -6.18
C ASN A 135 -25.00 3.11 -6.65
N ASN A 136 -24.80 3.49 -7.92
CA ASN A 136 -25.41 4.70 -8.46
C ASN A 136 -26.58 4.38 -9.37
N TYR A 137 -27.18 3.21 -9.18
CA TYR A 137 -28.16 2.67 -10.12
C TYR A 137 -29.52 2.40 -9.46
N ASN A 138 -29.49 1.79 -8.28
CA ASN A 138 -30.73 1.46 -7.58
C ASN A 138 -30.52 1.63 -6.09
N SER A 139 -31.39 1.02 -5.29
CA SER A 139 -31.35 1.24 -3.85
C SER A 139 -30.63 0.14 -3.08
N ASP A 140 -29.87 -0.69 -3.79
CA ASP A 140 -29.09 -1.76 -3.14
C ASP A 140 -28.23 -1.20 -2.03
N ASP A 141 -28.26 -1.88 -0.89
CA ASP A 141 -27.48 -1.52 0.28
C ASP A 141 -27.16 -2.83 0.99
N PHE A 142 -26.03 -3.42 0.63
CA PHE A 142 -25.71 -4.78 1.03
C PHE A 142 -24.52 -4.84 1.97
N GLN A 143 -24.54 -5.79 2.88
CA GLN A 143 -23.44 -5.99 3.80
C GLN A 143 -22.70 -7.30 3.50
N PHE A 144 -21.38 -7.18 3.40
CA PHE A 144 -20.51 -8.33 3.23
C PHE A 144 -19.69 -8.45 4.53
N VAL A 145 -19.99 -9.48 5.29
CA VAL A 145 -19.46 -9.60 6.66
C VAL A 145 -18.30 -10.58 6.67
N TRP A 146 -17.14 -10.08 7.12
CA TRP A 146 -15.91 -10.85 7.08
C TRP A 146 -15.47 -11.18 8.50
N ASN A 147 -15.55 -12.47 8.83
CA ASN A 147 -15.13 -12.95 10.14
C ASN A 147 -13.67 -13.40 10.06
N ILE A 148 -12.81 -12.70 10.79
CA ILE A 148 -11.36 -12.88 10.70
C ILE A 148 -10.87 -13.77 11.84
N TYR A 149 -10.23 -14.87 11.49
CA TYR A 149 -9.73 -15.83 12.46
C TYR A 149 -8.20 -15.95 12.40
N ALA A 150 -7.58 -16.06 13.56
CA ALA A 150 -6.14 -16.28 13.63
C ALA A 150 -5.77 -17.71 13.23
N ASN A 151 -4.77 -17.85 12.37
CA ASN A 151 -4.29 -19.18 12.02
C ASN A 151 -3.30 -19.72 13.04
N ASN A 152 -2.75 -18.84 13.87
CA ASN A 152 -1.72 -19.26 14.81
C ASN A 152 -1.68 -18.39 16.04
N ASP A 153 -1.01 -18.89 17.08
CA ASP A 153 -0.76 -18.12 18.29
C ASP A 153 0.12 -16.91 17.97
N VAL A 154 -0.02 -15.86 18.76
CA VAL A 154 0.89 -14.73 18.72
C VAL A 154 1.41 -14.51 20.13
N VAL A 155 2.74 -14.55 20.28
CA VAL A 155 3.37 -14.39 21.59
C VAL A 155 3.95 -12.99 21.71
N VAL A 156 3.62 -12.32 22.81
CA VAL A 156 4.23 -11.04 23.15
C VAL A 156 5.31 -11.29 24.20
N PRO A 157 6.59 -11.12 23.83
CA PRO A 157 7.64 -11.40 24.81
C PRO A 157 7.53 -10.60 26.09
N THR A 158 7.96 -11.19 27.22
CA THR A 158 7.92 -10.51 28.51
C THR A 158 9.35 -10.37 29.04
N PHE B 1 -4.36 5.96 -18.66
CA PHE B 1 -3.41 5.91 -17.52
C PHE B 1 -2.54 7.15 -17.51
N ALA B 2 -2.48 7.80 -16.36
CA ALA B 2 -1.63 8.97 -16.18
C ALA B 2 -1.23 9.10 -14.71
N CYS B 3 -0.24 9.94 -14.45
CA CYS B 3 0.33 10.10 -13.13
C CYS B 3 0.47 11.56 -12.75
N LYS B 4 0.57 11.84 -11.46
CA LYS B 4 0.88 13.19 -11.04
C LYS B 4 1.66 13.18 -9.74
N THR B 5 2.34 14.28 -9.46
CA THR B 5 3.05 14.43 -8.19
C THR B 5 2.17 15.09 -7.14
N ALA B 6 2.61 15.05 -5.89
CA ALA B 6 1.84 15.63 -4.79
C ALA B 6 1.61 17.12 -4.98
N ASN B 7 2.56 17.81 -5.63
CA ASN B 7 2.38 19.24 -5.90
C ASN B 7 1.59 19.49 -7.18
N GLY B 8 1.13 18.43 -7.83
CA GLY B 8 0.20 18.54 -8.94
C GLY B 8 0.79 18.56 -10.33
N THR B 9 2.09 18.29 -10.45
CA THR B 9 2.68 18.13 -11.78
C THR B 9 2.26 16.80 -12.39
N ALA B 10 1.70 16.83 -13.60
CA ALA B 10 1.15 15.65 -14.23
C ALA B 10 2.05 15.12 -15.36
N ILE B 11 2.05 13.80 -15.55
CA ILE B 11 2.54 13.21 -16.79
C ILE B 11 1.31 12.57 -17.41
N PRO B 12 0.96 13.00 -18.64
CA PRO B 12 -0.32 12.56 -19.20
C PRO B 12 -0.29 11.19 -19.87
N ILE B 13 -1.46 10.72 -20.32
CA ILE B 13 -1.53 9.54 -21.18
C ILE B 13 -0.40 9.54 -22.19
N GLY B 14 0.30 8.42 -22.29
CA GLY B 14 1.36 8.28 -23.26
C GLY B 14 2.76 8.43 -22.69
N GLY B 15 2.82 8.90 -21.44
CA GLY B 15 4.09 9.00 -20.74
C GLY B 15 4.77 10.34 -20.93
N GLY B 16 6.00 10.41 -20.44
CA GLY B 16 6.77 11.63 -20.45
C GLY B 16 7.65 11.66 -19.20
N SER B 17 8.03 12.86 -18.77
CA SER B 17 8.88 13.01 -17.60
C SER B 17 8.42 14.15 -16.68
N ALA B 18 8.80 14.07 -15.41
CA ALA B 18 8.51 15.10 -14.43
C ALA B 18 9.59 15.13 -13.36
N ASN B 19 9.76 16.28 -12.72
CA ASN B 19 10.68 16.41 -11.61
C ASN B 19 9.94 16.27 -10.29
N VAL B 20 10.61 15.61 -9.34
CA VAL B 20 10.06 15.38 -8.01
C VAL B 20 11.08 15.88 -7.01
N TYR B 21 10.63 16.77 -6.14
CA TYR B 21 11.48 17.41 -5.14
C TYR B 21 11.17 16.85 -3.77
N VAL B 22 12.16 16.23 -3.13
CA VAL B 22 11.92 15.48 -1.91
C VAL B 22 12.66 16.08 -0.72
N ASN B 23 11.96 16.18 0.40
CA ASN B 23 12.57 16.56 1.66
C ASN B 23 13.25 15.33 2.26
N LEU B 24 14.46 15.52 2.79
CA LEU B 24 15.26 14.41 3.29
C LEU B 24 15.67 14.64 4.74
N ALA B 25 15.68 13.57 5.54
CA ALA B 25 16.24 13.63 6.88
C ALA B 25 17.59 14.38 6.84
N PRO B 26 17.74 15.45 7.63
CA PRO B 26 18.96 16.26 7.50
C PRO B 26 20.22 15.60 8.05
N VAL B 27 20.03 14.66 8.97
CA VAL B 27 21.14 13.95 9.58
C VAL B 27 20.87 12.45 9.50
N VAL B 28 21.81 11.72 8.93
CA VAL B 28 21.71 10.26 8.84
C VAL B 28 23.04 9.64 9.24
N ASN B 29 22.99 8.80 10.26
CA ASN B 29 24.18 8.14 10.78
C ASN B 29 24.53 6.88 9.99
N VAL B 30 25.82 6.54 9.99
CA VAL B 30 26.26 5.23 9.55
C VAL B 30 25.44 4.21 10.32
N GLY B 31 24.94 3.20 9.60
CA GLY B 31 24.13 2.15 10.20
C GLY B 31 22.63 2.43 10.22
N GLN B 32 22.23 3.60 9.78
CA GLN B 32 20.82 3.96 9.69
C GLN B 32 20.40 4.13 8.24
N ASN B 33 19.09 4.09 8.00
CA ASN B 33 18.55 4.30 6.68
C ASN B 33 18.02 5.71 6.50
N LEU B 34 18.39 6.30 5.37
CA LEU B 34 17.69 7.45 4.82
C LEU B 34 16.58 6.88 3.95
N VAL B 35 15.35 7.26 4.24
CA VAL B 35 14.20 6.71 3.53
C VAL B 35 13.62 7.78 2.63
N VAL B 36 13.52 7.46 1.33
CA VAL B 36 12.86 8.33 0.38
C VAL B 36 11.60 7.63 -0.08
N ASP B 37 10.47 8.00 0.52
CA ASP B 37 9.21 7.34 0.23
C ASP B 37 8.44 8.07 -0.85
N LEU B 38 8.52 7.56 -2.08
CA LEU B 38 7.90 8.22 -3.21
C LEU B 38 6.39 7.95 -3.27
N SER B 39 5.91 7.00 -2.47
CA SER B 39 4.48 6.69 -2.49
C SER B 39 3.65 7.84 -1.96
N THR B 40 4.29 8.82 -1.31
CA THR B 40 3.57 10.01 -0.85
C THR B 40 3.70 11.16 -1.83
N GLN B 41 4.44 10.96 -2.91
CA GLN B 41 4.71 12.02 -3.86
C GLN B 41 4.29 11.69 -5.29
N ILE B 42 4.12 10.40 -5.60
CA ILE B 42 3.83 9.99 -6.97
C ILE B 42 2.58 9.13 -6.98
N PHE B 43 1.61 9.53 -7.81
CA PHE B 43 0.30 8.89 -7.86
C PHE B 43 -0.12 8.64 -9.29
N CYS B 44 -0.81 7.54 -9.53
CA CYS B 44 -1.33 7.26 -10.87
C CYS B 44 -2.73 6.68 -10.80
N HIS B 45 -3.36 6.60 -11.96
CA HIS B 45 -4.72 6.07 -12.05
C HIS B 45 -4.96 5.48 -13.42
N ASN B 46 -6.00 4.65 -13.49
CA ASN B 46 -6.48 4.02 -14.71
C ASN B 46 -7.62 4.88 -15.26
N ASP B 47 -7.60 5.22 -16.55
CA ASP B 47 -8.63 6.11 -17.12
C ASP B 47 -9.89 5.39 -17.63
N TYR B 48 -9.87 4.06 -17.65
CA TYR B 48 -10.94 3.27 -18.26
C TYR B 48 -11.01 1.88 -17.67
N PRO B 49 -11.12 1.79 -16.33
CA PRO B 49 -11.12 0.50 -15.66
C PRO B 49 -12.34 -0.36 -16.01
N GLU B 50 -13.39 0.27 -16.52
CA GLU B 50 -14.57 -0.46 -16.98
C GLU B 50 -14.18 -1.52 -18.02
N THR B 51 -13.15 -1.24 -18.82
CA THR B 51 -12.75 -2.13 -19.90
C THR B 51 -11.29 -2.55 -19.83
N ILE B 52 -10.45 -1.68 -19.29
CA ILE B 52 -9.01 -1.86 -19.37
C ILE B 52 -8.37 -2.06 -17.99
N THR B 53 -7.42 -2.98 -17.94
CA THR B 53 -6.56 -3.15 -16.77
C THR B 53 -5.17 -2.66 -17.11
N ASP B 54 -4.62 -1.81 -16.25
CA ASP B 54 -3.29 -1.25 -16.44
C ASP B 54 -2.27 -1.99 -15.57
N TYR B 55 -1.07 -2.17 -16.13
CA TYR B 55 0.02 -2.85 -15.45
C TYR B 55 1.21 -1.91 -15.30
N VAL B 56 1.80 -1.87 -14.11
CA VAL B 56 2.82 -0.87 -13.79
C VAL B 56 4.01 -1.52 -13.11
N THR B 57 5.19 -1.32 -13.69
CA THR B 57 6.42 -1.80 -13.08
C THR B 57 7.38 -0.65 -12.77
N LEU B 58 8.32 -0.92 -11.88
CA LEU B 58 9.55 -0.13 -11.83
C LEU B 58 10.51 -0.77 -12.82
N GLN B 59 10.63 -0.17 -13.99
CA GLN B 59 11.47 -0.72 -15.02
C GLN B 59 12.92 -0.61 -14.62
N ARG B 60 13.27 0.54 -14.06
CA ARG B 60 14.66 0.83 -13.74
C ARG B 60 14.74 1.94 -12.71
N GLY B 61 15.71 1.83 -11.81
CA GLY B 61 16.02 2.90 -10.89
C GLY B 61 17.51 3.16 -10.89
N SER B 62 17.86 4.43 -11.12
CA SER B 62 19.25 4.85 -11.21
C SER B 62 19.58 5.86 -10.13
N ALA B 63 20.79 5.77 -9.59
CA ALA B 63 21.27 6.69 -8.56
C ALA B 63 22.23 7.70 -9.15
N TYR B 64 22.20 8.91 -8.62
CA TYR B 64 23.08 9.98 -9.07
C TYR B 64 23.65 10.75 -7.89
N GLY B 65 24.66 11.57 -8.19
CA GLY B 65 25.21 12.46 -7.20
C GLY B 65 25.63 11.79 -5.91
N GLY B 66 25.22 12.37 -4.79
CA GLY B 66 25.63 11.89 -3.48
C GLY B 66 25.03 10.55 -3.12
N VAL B 67 23.87 10.22 -3.68
CA VAL B 67 23.28 8.90 -3.43
C VAL B 67 24.15 7.83 -4.09
N LEU B 68 24.60 8.09 -5.32
CA LEU B 68 25.50 7.16 -6.01
C LEU B 68 26.84 7.04 -5.28
N SER B 69 27.40 8.18 -4.86
CA SER B 69 28.72 8.21 -4.24
C SER B 69 28.76 7.71 -2.80
N ASN B 70 27.73 8.02 -2.02
CA ASN B 70 27.85 7.91 -0.57
C ASN B 70 26.88 6.93 0.10
N PHE B 71 26.03 6.28 -0.68
CA PHE B 71 25.01 5.40 -0.11
C PHE B 71 24.94 4.02 -0.76
N SER B 72 24.52 3.06 0.05
CA SER B 72 24.22 1.70 -0.38
C SER B 72 22.69 1.54 -0.34
N GLY B 73 22.10 1.21 -1.49
CA GLY B 73 20.66 1.35 -1.64
C GLY B 73 19.87 0.08 -1.87
N THR B 74 18.62 0.13 -1.42
CA THR B 74 17.62 -0.88 -1.77
C THR B 74 16.35 -0.14 -2.11
N VAL B 75 15.62 -0.66 -3.09
CA VAL B 75 14.32 -0.10 -3.41
C VAL B 75 13.27 -1.13 -3.05
N LYS B 76 12.23 -0.68 -2.36
CA LYS B 76 11.11 -1.55 -2.07
C LYS B 76 9.97 -1.15 -2.99
N TYR B 77 9.44 -2.14 -3.71
CA TYR B 77 8.35 -1.94 -4.63
C TYR B 77 7.22 -2.90 -4.29
N SER B 78 6.08 -2.33 -3.90
CA SER B 78 4.91 -3.13 -3.59
C SER B 78 5.25 -4.32 -2.69
N GLY B 79 5.91 -4.05 -1.57
CA GLY B 79 6.16 -5.09 -0.58
C GLY B 79 7.42 -5.94 -0.73
N SER B 80 8.10 -5.83 -1.88
CA SER B 80 9.33 -6.59 -2.10
C SER B 80 10.55 -5.68 -2.24
N SER B 81 11.71 -6.17 -1.81
CA SER B 81 12.94 -5.36 -1.82
C SER B 81 13.93 -5.81 -2.89
N TYR B 82 14.58 -4.84 -3.52
CA TYR B 82 15.53 -5.10 -4.59
C TYR B 82 16.72 -4.18 -4.45
N PRO B 83 17.84 -4.56 -5.08
CA PRO B 83 18.99 -3.65 -5.13
C PRO B 83 18.63 -2.33 -5.81
N PHE B 84 19.19 -1.23 -5.29
CA PHE B 84 19.09 0.07 -5.94
C PHE B 84 20.48 0.71 -5.94
N PRO B 85 20.99 1.10 -7.11
CA PRO B 85 20.44 1.02 -8.48
C PRO B 85 20.03 -0.39 -8.86
N THR B 86 18.99 -0.48 -9.69
CA THR B 86 18.32 -1.73 -9.98
C THR B 86 19.06 -2.57 -11.02
N THR B 87 18.82 -3.87 -10.98
CA THR B 87 19.47 -4.82 -11.87
C THR B 87 18.46 -5.54 -12.77
N SER B 88 17.17 -5.32 -12.53
CA SER B 88 16.12 -5.87 -13.38
C SER B 88 14.79 -5.20 -13.11
N GLU B 89 13.87 -5.34 -14.06
CA GLU B 89 12.53 -4.81 -13.95
C GLU B 89 11.74 -5.59 -12.90
N THR B 90 10.92 -4.88 -12.14
CA THR B 90 10.08 -5.48 -11.10
C THR B 90 8.89 -6.22 -11.67
N PRO B 91 8.21 -7.02 -10.83
CA PRO B 91 6.90 -7.52 -11.22
C PRO B 91 5.91 -6.37 -11.36
N ARG B 92 4.77 -6.66 -11.96
CA ARG B 92 3.74 -5.67 -12.23
C ARG B 92 2.82 -5.41 -11.03
N VAL B 93 2.40 -4.15 -10.91
CA VAL B 93 1.31 -3.77 -10.01
C VAL B 93 0.09 -3.46 -10.88
N VAL B 94 -1.09 -3.90 -10.44
CA VAL B 94 -2.30 -3.67 -11.19
C VAL B 94 -2.93 -2.34 -10.77
N TYR B 95 -3.29 -1.52 -11.75
CA TYR B 95 -4.07 -0.31 -11.50
C TYR B 95 -5.44 -0.47 -12.15
N ASN B 96 -6.48 -0.57 -11.33
CA ASN B 96 -7.83 -0.84 -11.81
C ASN B 96 -8.80 0.20 -11.25
N SER B 97 -8.28 1.38 -10.94
CA SER B 97 -9.08 2.43 -10.34
C SER B 97 -8.78 3.79 -10.95
N ARG B 98 -9.82 4.59 -11.07
CA ARG B 98 -9.72 5.92 -11.63
C ARG B 98 -9.27 6.93 -10.55
N THR B 99 -9.47 6.57 -9.30
CA THR B 99 -8.96 7.38 -8.19
C THR B 99 -7.44 7.29 -8.11
N ASP B 100 -6.78 8.44 -7.91
CA ASP B 100 -5.34 8.48 -7.71
C ASP B 100 -4.90 7.49 -6.64
N LYS B 101 -3.86 6.72 -6.95
CA LYS B 101 -3.34 5.68 -6.07
C LYS B 101 -1.80 5.80 -6.01
N PRO B 102 -1.21 5.64 -4.81
CA PRO B 102 0.24 5.77 -4.74
C PRO B 102 1.01 4.83 -5.67
N TRP B 103 2.13 5.30 -6.21
CA TRP B 103 3.11 4.42 -6.81
C TRP B 103 3.99 3.87 -5.68
N PRO B 104 3.89 2.57 -5.38
CA PRO B 104 4.47 2.07 -4.13
C PRO B 104 5.98 1.85 -4.17
N VAL B 105 6.72 2.95 -4.33
CA VAL B 105 8.18 2.92 -4.41
C VAL B 105 8.78 3.63 -3.21
N ALA B 106 9.74 2.99 -2.55
CA ALA B 106 10.50 3.65 -1.50
C ALA B 106 11.96 3.24 -1.58
N LEU B 107 12.85 4.22 -1.40
CA LEU B 107 14.29 3.97 -1.39
C LEU B 107 14.79 3.94 0.04
N TYR B 108 15.62 2.94 0.35
CA TYR B 108 16.27 2.81 1.65
C TYR B 108 17.76 2.92 1.41
N LEU B 109 18.35 4.00 1.90
CA LEU B 109 19.72 4.37 1.58
C LEU B 109 20.54 4.47 2.84
N THR B 110 21.56 3.63 2.95
CA THR B 110 22.39 3.66 4.15
C THR B 110 23.80 4.12 3.78
N PRO B 111 24.42 4.99 4.60
CA PRO B 111 25.73 5.52 4.21
C PRO B 111 26.80 4.45 4.08
N VAL B 112 27.64 4.58 3.06
CA VAL B 112 28.79 3.71 2.93
C VAL B 112 29.84 4.16 3.93
N SER B 113 30.77 3.25 4.22
CA SER B 113 31.75 3.48 5.26
C SER B 113 32.58 4.76 5.04
N SER B 114 32.82 5.10 3.78
CA SER B 114 33.61 6.27 3.47
C SER B 114 32.82 7.58 3.60
N ALA B 115 31.50 7.48 3.78
CA ALA B 115 30.67 8.67 3.83
C ALA B 115 30.92 9.44 5.12
N GLY B 116 30.88 10.77 5.01
CA GLY B 116 31.04 11.63 6.15
C GLY B 116 30.92 13.05 5.65
N GLY B 117 30.20 13.88 6.39
CA GLY B 117 29.99 15.25 6.01
C GLY B 117 28.75 15.40 5.17
N VAL B 118 28.78 16.33 4.22
CA VAL B 118 27.61 16.56 3.38
C VAL B 118 27.54 15.48 2.31
N ALA B 119 26.67 14.50 2.53
CA ALA B 119 26.59 13.33 1.68
C ALA B 119 25.65 13.50 0.49
N ILE B 120 24.66 14.38 0.66
CA ILE B 120 23.75 14.76 -0.42
C ILE B 120 23.65 16.28 -0.38
N LYS B 121 23.76 16.90 -1.54
CA LYS B 121 23.69 18.35 -1.62
C LYS B 121 22.32 18.83 -2.07
N ALA B 122 21.84 19.85 -1.39
CA ALA B 122 20.57 20.48 -1.74
C ALA B 122 20.54 20.82 -3.22
N GLY B 123 19.43 20.48 -3.88
CA GLY B 123 19.23 20.81 -5.28
C GLY B 123 19.76 19.80 -6.27
N SER B 124 20.48 18.79 -5.78
CA SER B 124 21.12 17.85 -6.68
C SER B 124 20.16 16.75 -7.12
N LEU B 125 20.39 16.22 -8.32
CA LEU B 125 19.70 15.03 -8.79
C LEU B 125 20.21 13.83 -8.00
N ILE B 126 19.31 13.04 -7.43
CA ILE B 126 19.74 11.90 -6.64
C ILE B 126 19.28 10.58 -7.25
N ALA B 127 18.23 10.62 -8.05
CA ALA B 127 17.73 9.41 -8.69
C ALA B 127 16.87 9.68 -9.91
N VAL B 128 16.82 8.70 -10.79
CA VAL B 128 15.84 8.67 -11.87
C VAL B 128 15.13 7.34 -11.75
N LEU B 129 13.80 7.41 -11.66
CA LEU B 129 12.98 6.22 -11.57
C LEU B 129 12.07 6.12 -12.79
N ILE B 130 12.10 4.98 -13.45
CA ILE B 130 11.31 4.78 -14.64
C ILE B 130 10.14 3.85 -14.36
N LEU B 131 8.95 4.41 -14.45
CA LEU B 131 7.70 3.68 -14.37
C LEU B 131 7.31 3.24 -15.77
N ARG B 132 7.10 1.93 -15.95
CA ARG B 132 6.68 1.40 -17.24
C ARG B 132 5.24 0.89 -17.17
N GLN B 133 4.40 1.40 -18.06
CA GLN B 133 2.97 1.07 -18.04
C GLN B 133 2.52 0.40 -19.32
N THR B 134 1.85 -0.73 -19.13
CA THR B 134 1.23 -1.47 -20.22
C THR B 134 -0.22 -1.72 -19.83
N ASN B 135 -0.94 -2.46 -20.65
CA ASN B 135 -2.32 -2.79 -20.31
C ASN B 135 -2.74 -4.11 -20.97
N ASN B 136 -3.99 -4.51 -20.74
CA ASN B 136 -4.52 -5.76 -21.31
C ASN B 136 -5.44 -5.50 -22.49
N TYR B 137 -5.26 -4.35 -23.14
CA TYR B 137 -6.24 -3.88 -24.13
C TYR B 137 -5.58 -3.67 -25.50
N ASN B 138 -4.42 -3.02 -25.50
CA ASN B 138 -3.72 -2.76 -26.75
C ASN B 138 -2.23 -2.90 -26.54
N SER B 139 -1.43 -2.35 -27.43
CA SER B 139 0.00 -2.54 -27.40
C SER B 139 0.75 -1.38 -26.76
N ASP B 140 0.04 -0.52 -26.04
CA ASP B 140 0.68 0.59 -25.33
C ASP B 140 1.81 0.10 -24.41
N ASP B 141 2.93 0.80 -24.48
CA ASP B 141 4.09 0.50 -23.66
C ASP B 141 4.77 1.83 -23.40
N PHE B 142 4.39 2.48 -22.30
CA PHE B 142 4.76 3.87 -22.06
C PHE B 142 5.71 3.99 -20.88
N GLN B 143 6.59 4.97 -20.95
CA GLN B 143 7.50 5.26 -19.85
C GLN B 143 7.15 6.59 -19.17
N PHE B 144 7.05 6.56 -17.86
CA PHE B 144 6.86 7.75 -17.05
C PHE B 144 8.15 7.95 -16.25
N VAL B 145 8.91 8.99 -16.59
CA VAL B 145 10.26 9.16 -16.04
C VAL B 145 10.24 10.20 -14.92
N TRP B 146 10.70 9.78 -13.75
CA TRP B 146 10.65 10.62 -12.56
C TRP B 146 12.05 11.00 -12.13
N ASN B 147 12.37 12.28 -12.27
CA ASN B 147 13.66 12.81 -11.89
C ASN B 147 13.57 13.34 -10.45
N ILE B 148 14.32 12.71 -9.56
CA ILE B 148 14.22 12.99 -8.12
C ILE B 148 15.34 13.91 -7.68
N TYR B 149 14.96 15.06 -7.12
CA TYR B 149 15.92 16.04 -6.63
C TYR B 149 15.82 16.22 -5.12
N ALA B 150 16.98 16.37 -4.48
CA ALA B 150 17.02 16.64 -3.05
C ALA B 150 16.64 18.10 -2.76
N ASN B 151 15.76 18.29 -1.77
CA ASN B 151 15.39 19.64 -1.36
C ASN B 151 16.38 20.24 -0.37
N ASN B 152 17.21 19.42 0.25
CA ASN B 152 18.10 19.91 1.29
C ASN B 152 19.36 19.07 1.40
N ASP B 153 20.37 19.62 2.08
CA ASP B 153 21.57 18.86 2.39
C ASP B 153 21.22 17.70 3.32
N VAL B 154 22.02 16.63 3.23
CA VAL B 154 21.99 15.53 4.19
C VAL B 154 23.38 15.35 4.74
N VAL B 155 23.51 15.43 6.06
CA VAL B 155 24.79 15.31 6.74
C VAL B 155 24.93 13.94 7.37
N VAL B 156 26.05 13.28 7.11
CA VAL B 156 26.41 12.06 7.81
C VAL B 156 27.44 12.40 8.89
N PRO B 157 27.06 12.28 10.18
CA PRO B 157 28.02 12.62 11.25
C PRO B 157 29.30 11.80 11.18
N THR B 158 30.40 12.41 11.60
CA THR B 158 31.68 11.73 11.61
C THR B 158 32.20 11.65 13.04
#